data_3JV3
#
_entry.id   3JV3
#
_cell.length_a   67.044
_cell.length_b   67.044
_cell.length_c   341.818
_cell.angle_alpha   90.000
_cell.angle_beta   90.000
_cell.angle_gamma   120.000
#
_symmetry.space_group_name_H-M   'P 32 2 1'
#
loop_
_entity.id
_entity.type
_entity.pdbx_description
1 polymer Intersectin-1
2 water water
#
_entity_poly.entity_id   1
_entity_poly.type   'polypeptide(L)'
_entity_poly.pdbx_seq_one_letter_code
;GSCQVIGMYDYTAQNDDELAFSKGQIINVLNKEDPDWWKGEVSGQVGLFPSNYVKLTTDMDPSQQWCSDLHLLDMLTPTE
RKRQGYIHELIVTEENYVNDLQLVTEIFQKPLTESELLTEKEVAMIFVNWKELIMCNIKLLKALRVRKKMSGEKMPVKMI
GDILSAQLPHMQPYIRFCSCQLNGAALIQQKTDEAPDFKEFVKRLAMDPRCKGMPLSSFILKPMQRVTRYPLIIKNILEN
TPENHPDHSHLKHALEKAEELCSQVNEGVREKENSDRLEWIQA
;
_entity_poly.pdbx_strand_id   A,B
#
# COMPACT_ATOMS: atom_id res chain seq x y z
N GLY A 1 12.74 11.86 8.43
CA GLY A 1 11.76 10.82 8.04
C GLY A 1 10.32 11.26 8.31
N SER A 2 9.45 11.09 7.33
CA SER A 2 8.02 11.41 7.40
C SER A 2 7.34 10.67 8.55
N CYS A 3 6.48 11.37 9.29
CA CYS A 3 5.75 10.75 10.39
C CYS A 3 4.66 11.70 10.85
N GLN A 4 3.73 11.24 11.67
CA GLN A 4 2.66 12.10 12.16
C GLN A 4 2.90 12.57 13.59
N VAL A 5 2.27 13.67 13.96
CA VAL A 5 2.37 14.17 15.33
C VAL A 5 1.00 14.72 15.61
N ILE A 6 0.63 14.78 16.88
CA ILE A 6 -0.66 15.32 17.20
C ILE A 6 -0.42 16.60 18.02
N GLY A 7 -1.23 17.62 17.78
CA GLY A 7 -1.06 18.85 18.52
C GLY A 7 -1.45 18.67 19.96
N MET A 8 -0.54 18.93 20.90
CA MET A 8 -0.83 18.80 22.32
C MET A 8 -1.41 20.11 22.91
N TYR A 9 -1.40 21.19 22.13
CA TYR A 9 -1.94 22.50 22.55
C TYR A 9 -2.23 23.28 21.28
N ASP A 10 -2.97 24.36 21.37
CA ASP A 10 -3.20 25.16 20.15
C ASP A 10 -1.94 25.98 19.88
N TYR A 11 -1.80 26.45 18.65
CA TYR A 11 -0.66 27.27 18.32
C TYR A 11 -0.96 28.22 17.19
N THR A 12 -0.85 29.52 17.48
CA THR A 12 -1.07 30.47 16.41
C THR A 12 0.30 30.80 15.84
N ALA A 13 0.33 30.93 14.52
CA ALA A 13 1.55 31.22 13.79
C ALA A 13 2.01 32.64 14.15
N GLN A 14 3.30 32.78 14.47
CA GLN A 14 3.86 34.06 14.87
C GLN A 14 4.63 34.74 13.75
N ASN A 15 4.84 34.02 12.65
CA ASN A 15 5.57 34.54 11.49
C ASN A 15 4.93 33.93 10.24
N ASP A 16 5.16 34.54 9.09
CA ASP A 16 4.60 34.06 7.82
C ASP A 16 5.07 32.64 7.44
N ASP A 17 6.24 32.25 7.93
CA ASP A 17 6.78 30.93 7.62
C ASP A 17 6.37 29.83 8.64
N GLU A 18 5.32 30.09 9.42
CA GLU A 18 4.88 29.14 10.41
C GLU A 18 3.57 28.42 10.14
N LEU A 19 3.37 27.31 10.86
CA LEU A 19 2.18 26.50 10.69
C LEU A 19 1.29 26.60 11.95
N ALA A 20 0.09 27.16 11.81
CA ALA A 20 -0.84 27.24 12.94
C ALA A 20 -1.67 25.95 12.96
N PHE A 21 -1.95 25.43 14.16
CA PHE A 21 -2.75 24.20 14.27
C PHE A 21 -3.50 24.21 15.60
N SER A 22 -4.46 23.30 15.74
CA SER A 22 -5.24 23.27 16.98
C SER A 22 -4.89 22.03 17.76
N LYS A 23 -5.23 22.05 19.05
CA LYS A 23 -4.95 20.90 19.89
C LYS A 23 -5.70 19.74 19.27
N GLY A 24 -5.08 18.58 19.27
CA GLY A 24 -5.70 17.40 18.73
C GLY A 24 -5.52 17.20 17.25
N GLN A 25 -5.06 18.23 16.55
CA GLN A 25 -4.86 18.13 15.11
C GLN A 25 -3.60 17.34 14.77
N ILE A 26 -3.66 16.42 13.82
CA ILE A 26 -2.46 15.69 13.48
C ILE A 26 -1.85 16.41 12.31
N ILE A 27 -0.53 16.53 12.34
CA ILE A 27 0.16 17.21 11.28
C ILE A 27 1.23 16.25 10.74
N ASN A 28 1.45 16.28 9.42
CA ASN A 28 2.47 15.43 8.81
C ASN A 28 3.84 16.12 8.89
N VAL A 29 4.79 15.48 9.55
CA VAL A 29 6.12 16.04 9.70
C VAL A 29 6.98 15.75 8.48
N LEU A 30 7.47 16.80 7.80
CA LEU A 30 8.31 16.60 6.60
C LEU A 30 9.78 16.51 6.97
N ASN A 31 10.19 17.21 8.02
CA ASN A 31 11.57 17.08 8.45
C ASN A 31 11.76 17.55 9.88
N LYS A 32 12.82 17.06 10.52
CA LYS A 32 13.11 17.42 11.89
C LYS A 32 14.54 17.94 11.98
N GLU A 33 14.90 18.77 11.00
CA GLU A 33 16.23 19.40 10.94
C GLU A 33 16.43 20.11 12.29
N ASP A 34 15.95 21.35 12.36
CA ASP A 34 16.01 22.16 13.57
C ASP A 34 15.31 21.30 14.63
N PRO A 35 16.02 20.91 15.69
CA PRO A 35 15.39 20.08 16.72
C PRO A 35 14.29 20.80 17.49
N ASP A 36 14.02 22.05 17.13
CA ASP A 36 13.02 22.88 17.79
C ASP A 36 11.90 23.32 16.85
N TRP A 37 12.20 23.27 15.56
CA TRP A 37 11.24 23.66 14.55
C TRP A 37 11.17 22.60 13.47
N TRP A 38 10.09 21.81 13.52
CA TRP A 38 9.85 20.75 12.56
C TRP A 38 9.19 21.41 11.35
N LYS A 39 9.37 20.84 10.16
CA LYS A 39 8.68 21.38 8.97
C LYS A 39 7.47 20.47 8.86
N GLY A 40 6.28 21.04 8.90
CA GLY A 40 5.10 20.21 8.81
C GLY A 40 4.12 20.63 7.73
N GLU A 41 3.18 19.74 7.46
CA GLU A 41 2.20 20.03 6.46
C GLU A 41 0.86 19.56 6.97
N VAL A 42 -0.14 20.41 6.78
CA VAL A 42 -1.51 20.13 7.17
C VAL A 42 -2.40 20.62 6.04
N SER A 43 -3.06 19.67 5.37
CA SER A 43 -3.95 19.99 4.26
C SER A 43 -3.24 20.69 3.13
N GLY A 44 -2.09 20.14 2.73
CA GLY A 44 -1.33 20.72 1.64
C GLY A 44 -0.54 21.98 1.97
N GLN A 45 -0.75 22.54 3.15
CA GLN A 45 -0.05 23.75 3.60
C GLN A 45 1.19 23.40 4.42
N VAL A 46 2.34 23.88 3.98
CA VAL A 46 3.60 23.61 4.67
C VAL A 46 4.11 24.77 5.52
N GLY A 47 4.63 24.48 6.71
CA GLY A 47 5.14 25.52 7.57
C GLY A 47 5.98 24.98 8.71
N LEU A 48 6.74 25.84 9.38
CA LEU A 48 7.53 25.39 10.50
C LEU A 48 6.65 25.51 11.76
N PHE A 49 6.86 24.62 12.72
CA PHE A 49 6.08 24.63 13.96
C PHE A 49 6.92 24.21 15.18
N PRO A 50 6.55 24.71 16.36
CA PRO A 50 7.31 24.36 17.56
C PRO A 50 7.23 22.87 17.88
N SER A 51 8.36 22.18 17.86
CA SER A 51 8.37 20.74 18.15
C SER A 51 7.92 20.37 19.58
N ASN A 52 7.98 21.31 20.50
CA ASN A 52 7.59 21.12 21.91
C ASN A 52 6.07 21.27 22.14
N TYR A 53 5.33 21.54 21.07
CA TYR A 53 3.87 21.72 21.12
C TYR A 53 3.19 20.47 20.59
N VAL A 54 4.00 19.51 20.21
CA VAL A 54 3.52 18.32 19.56
C VAL A 54 3.94 17.02 20.23
N LYS A 55 3.35 15.91 19.79
CA LYS A 55 3.68 14.57 20.29
C LYS A 55 3.65 13.56 19.15
N LEU A 56 4.74 12.83 18.94
CA LEU A 56 4.75 11.84 17.89
C LEU A 56 3.65 10.80 18.15
N THR A 57 2.95 10.38 17.10
CA THR A 57 1.89 9.42 17.30
C THR A 57 2.46 8.07 17.73
N THR A 58 3.64 7.73 17.23
CA THR A 58 4.30 6.48 17.56
C THR A 58 4.74 6.46 19.02
N ASP A 59 4.73 7.62 19.68
CA ASP A 59 5.07 7.69 21.09
C ASP A 59 3.82 7.60 21.95
N MET A 60 2.68 7.44 21.31
CA MET A 60 1.43 7.37 22.05
C MET A 60 1.10 5.94 22.46
N ASP A 61 0.64 5.76 23.67
CA ASP A 61 0.31 4.44 24.15
C ASP A 61 -0.82 3.80 23.34
N PRO A 62 -0.53 2.68 22.65
CA PRO A 62 -1.63 2.08 21.87
C PRO A 62 -2.87 1.64 22.66
N SER A 63 -2.73 1.32 23.94
CA SER A 63 -3.93 0.91 24.66
C SER A 63 -4.86 2.11 24.83
N GLN A 64 -4.28 3.30 24.77
CA GLN A 64 -5.03 4.54 24.90
C GLN A 64 -5.88 4.79 23.64
N GLN A 65 -5.44 4.30 22.49
CA GLN A 65 -6.24 4.49 21.30
C GLN A 65 -7.22 3.35 21.08
N TRP A 66 -6.82 2.11 21.36
CA TRP A 66 -7.71 0.98 21.07
C TRP A 66 -8.51 0.33 22.16
N CYS A 67 -8.17 0.62 23.41
CA CYS A 67 -8.84 0.03 24.55
C CYS A 67 -8.61 0.87 25.78
N SER A 68 -8.89 2.17 25.69
CA SER A 68 -8.66 3.00 26.88
C SER A 68 -9.55 2.61 28.05
N ASP A 69 -10.64 1.92 27.74
CA ASP A 69 -11.62 1.50 28.76
C ASP A 69 -11.38 0.09 29.34
N LEU A 70 -10.26 -0.52 28.98
CA LEU A 70 -9.91 -1.85 29.48
C LEU A 70 -9.80 -1.78 30.98
N HIS A 71 -10.29 -2.80 31.66
CA HIS A 71 -10.24 -2.86 33.12
C HIS A 71 -8.85 -3.16 33.62
N LEU A 72 -8.46 -2.46 34.68
CA LEU A 72 -7.15 -2.63 35.29
C LEU A 72 -6.02 -2.17 34.36
N LEU A 73 -6.35 -1.49 33.27
CA LEU A 73 -5.32 -1.03 32.34
C LEU A 73 -4.17 -0.31 33.05
N ASP A 74 -4.50 0.57 33.98
CA ASP A 74 -3.48 1.34 34.71
C ASP A 74 -2.60 0.48 35.63
N MET A 75 -3.02 -0.75 35.91
CA MET A 75 -2.23 -1.61 36.77
C MET A 75 -1.21 -2.41 35.97
N LEU A 76 -1.42 -2.54 34.66
CA LEU A 76 -0.49 -3.32 33.85
C LEU A 76 0.88 -2.66 33.61
N THR A 77 1.86 -3.50 33.28
CA THR A 77 3.20 -2.99 33.00
C THR A 77 3.12 -2.19 31.71
N PRO A 78 4.11 -1.35 31.45
CA PRO A 78 4.04 -0.57 30.21
C PRO A 78 4.05 -1.47 28.99
N THR A 79 4.75 -2.59 29.09
CA THR A 79 4.82 -3.48 27.94
C THR A 79 3.56 -4.34 27.75
N GLU A 80 2.88 -4.71 28.83
CA GLU A 80 1.64 -5.47 28.67
C GLU A 80 0.55 -4.51 28.14
N ARG A 81 0.64 -3.22 28.50
CA ARG A 81 -0.34 -2.23 28.00
C ARG A 81 -0.26 -2.12 26.49
N LYS A 82 0.94 -2.09 25.96
CA LYS A 82 1.10 -1.99 24.53
C LYS A 82 0.60 -3.28 23.91
N ARG A 83 0.85 -4.40 24.57
CA ARG A 83 0.41 -5.68 24.06
C ARG A 83 -1.13 -5.70 23.94
N GLN A 84 -1.82 -5.23 24.99
CA GLN A 84 -3.28 -5.16 24.94
C GLN A 84 -3.68 -4.17 23.83
N GLY A 85 -3.01 -3.03 23.78
CA GLY A 85 -3.27 -2.04 22.75
C GLY A 85 -3.19 -2.61 21.34
N TYR A 86 -2.11 -3.32 21.02
CA TYR A 86 -2.01 -3.89 19.68
C TYR A 86 -2.98 -5.03 19.46
N ILE A 87 -3.28 -5.81 20.50
CA ILE A 87 -4.23 -6.91 20.34
C ILE A 87 -5.57 -6.30 19.93
N HIS A 88 -5.96 -5.24 20.61
CA HIS A 88 -7.23 -4.58 20.31
C HIS A 88 -7.20 -3.80 18.97
N GLU A 89 -6.03 -3.35 18.54
CA GLU A 89 -5.97 -2.69 17.24
C GLU A 89 -6.35 -3.78 16.21
N LEU A 90 -5.88 -5.00 16.49
CA LEU A 90 -6.15 -6.13 15.60
C LEU A 90 -7.65 -6.45 15.56
N ILE A 91 -8.23 -6.59 16.74
CA ILE A 91 -9.63 -6.93 16.88
C ILE A 91 -10.56 -5.81 16.42
N VAL A 92 -10.30 -4.57 16.84
CA VAL A 92 -11.14 -3.47 16.41
C VAL A 92 -11.08 -3.29 14.90
N THR A 93 -9.88 -3.20 14.33
CA THR A 93 -9.79 -3.04 12.89
C THR A 93 -10.37 -4.24 12.13
N GLU A 94 -10.45 -5.42 12.78
CA GLU A 94 -11.01 -6.59 12.10
C GLU A 94 -12.51 -6.36 11.97
N GLU A 95 -13.14 -5.96 13.09
CA GLU A 95 -14.56 -5.64 13.15
C GLU A 95 -14.82 -4.60 12.06
N ASN A 96 -13.96 -3.58 12.02
CA ASN A 96 -14.08 -2.54 11.06
C ASN A 96 -14.00 -3.13 9.66
N TYR A 97 -12.97 -3.95 9.44
CA TYR A 97 -12.76 -4.57 8.14
C TYR A 97 -13.89 -5.50 7.67
N VAL A 98 -14.25 -6.49 8.48
CA VAL A 98 -15.31 -7.42 8.11
C VAL A 98 -16.62 -6.70 7.78
N ASN A 99 -16.94 -5.67 8.56
CA ASN A 99 -18.16 -4.95 8.34
C ASN A 99 -18.12 -4.19 7.02
N ASP A 100 -16.94 -3.73 6.63
CA ASP A 100 -16.81 -3.01 5.35
C ASP A 100 -17.00 -4.00 4.20
N LEU A 101 -16.51 -5.21 4.37
CA LEU A 101 -16.67 -6.20 3.32
C LEU A 101 -18.17 -6.42 3.16
N GLN A 102 -18.84 -6.67 4.29
CA GLN A 102 -20.27 -6.90 4.25
C GLN A 102 -20.97 -5.75 3.56
N LEU A 103 -20.64 -4.55 3.99
CA LEU A 103 -21.20 -3.32 3.42
C LEU A 103 -21.08 -3.27 1.88
N VAL A 104 -19.94 -3.67 1.34
CA VAL A 104 -19.74 -3.62 -0.11
C VAL A 104 -20.76 -4.50 -0.85
N THR A 105 -20.98 -5.70 -0.34
CA THR A 105 -21.94 -6.64 -0.93
C THR A 105 -23.35 -6.08 -0.87
N GLU A 106 -23.78 -5.71 0.34
CA GLU A 106 -25.10 -5.16 0.54
C GLU A 106 -25.43 -3.97 -0.35
N ILE A 107 -24.53 -3.00 -0.43
CA ILE A 107 -24.83 -1.81 -1.22
C ILE A 107 -24.18 -1.69 -2.60
N PHE A 108 -23.32 -2.64 -2.96
CA PHE A 108 -22.67 -2.60 -4.28
C PHE A 108 -22.79 -3.91 -5.09
N GLN A 109 -22.53 -5.04 -4.45
CA GLN A 109 -22.57 -6.31 -5.18
C GLN A 109 -23.99 -6.69 -5.59
N LYS A 110 -24.84 -6.98 -4.62
CA LYS A 110 -26.22 -7.38 -4.90
C LYS A 110 -26.95 -6.36 -5.78
N PRO A 111 -26.89 -5.07 -5.41
CA PRO A 111 -27.56 -4.06 -6.23
C PRO A 111 -27.03 -4.01 -7.67
N LEU A 112 -25.94 -4.70 -7.94
CA LEU A 112 -25.39 -4.71 -9.29
C LEU A 112 -25.75 -6.03 -9.99
N THR A 113 -25.84 -7.10 -9.21
CA THR A 113 -26.18 -8.41 -9.74
C THR A 113 -27.66 -8.41 -10.13
N GLU A 114 -28.35 -7.33 -9.76
CA GLU A 114 -29.77 -7.15 -10.06
C GLU A 114 -29.90 -6.07 -11.12
N SER A 115 -28.92 -5.19 -11.18
CA SER A 115 -28.92 -4.08 -12.12
C SER A 115 -29.07 -4.54 -13.57
N GLU A 116 -28.59 -5.75 -13.86
CA GLU A 116 -28.66 -6.26 -15.21
C GLU A 116 -27.97 -5.28 -16.15
N LEU A 117 -27.37 -4.25 -15.59
CA LEU A 117 -26.65 -3.25 -16.36
C LEU A 117 -25.29 -3.79 -16.77
N LEU A 118 -25.08 -5.08 -16.49
CA LEU A 118 -23.84 -5.75 -16.84
C LEU A 118 -23.98 -7.25 -16.63
N THR A 119 -23.31 -8.01 -17.50
CA THR A 119 -23.35 -9.47 -17.49
C THR A 119 -23.04 -10.17 -16.16
N GLU A 120 -23.23 -11.49 -16.15
CA GLU A 120 -22.98 -12.29 -14.96
C GLU A 120 -21.47 -12.41 -14.77
N LYS A 121 -20.74 -12.36 -15.88
CA LYS A 121 -19.29 -12.45 -15.84
C LYS A 121 -18.69 -11.12 -15.40
N GLU A 122 -19.30 -10.02 -15.84
CA GLU A 122 -18.81 -8.69 -15.49
C GLU A 122 -18.90 -8.41 -14.00
N VAL A 123 -19.73 -9.20 -13.30
CA VAL A 123 -19.89 -9.07 -11.86
C VAL A 123 -18.79 -9.86 -11.19
N ALA A 124 -18.43 -11.00 -11.75
CA ALA A 124 -17.37 -11.81 -11.18
C ALA A 124 -16.06 -11.08 -11.38
N MET A 125 -15.87 -10.50 -12.55
CA MET A 125 -14.63 -9.77 -12.83
C MET A 125 -14.33 -8.64 -11.85
N ILE A 126 -15.38 -8.04 -11.28
CA ILE A 126 -15.20 -6.95 -10.33
C ILE A 126 -15.13 -7.43 -8.87
N PHE A 127 -16.05 -8.29 -8.47
CA PHE A 127 -16.08 -8.77 -7.10
C PHE A 127 -15.39 -10.11 -6.88
N VAL A 128 -15.05 -10.78 -7.97
CA VAL A 128 -14.37 -12.06 -7.89
C VAL A 128 -14.82 -12.87 -6.66
N ASN A 129 -13.88 -13.47 -5.91
CA ASN A 129 -14.29 -14.25 -4.75
C ASN A 129 -14.53 -13.42 -3.49
N TRP A 130 -15.05 -12.22 -3.69
CA TRP A 130 -15.36 -11.34 -2.56
C TRP A 130 -16.15 -12.06 -1.46
N LYS A 131 -17.21 -12.76 -1.84
CA LYS A 131 -18.00 -13.48 -0.86
C LYS A 131 -17.13 -14.46 -0.08
N GLU A 132 -16.15 -15.07 -0.77
CA GLU A 132 -15.28 -16.04 -0.10
C GLU A 132 -14.49 -15.38 1.02
N LEU A 133 -14.05 -14.14 0.77
CA LEU A 133 -13.29 -13.39 1.78
C LEU A 133 -14.17 -13.15 2.99
N ILE A 134 -15.41 -12.71 2.76
CA ILE A 134 -16.31 -12.44 3.87
C ILE A 134 -16.42 -13.68 4.76
N MET A 135 -16.40 -14.86 4.15
CA MET A 135 -16.52 -16.07 4.92
C MET A 135 -15.34 -16.40 5.83
N CYS A 136 -14.12 -16.41 5.30
CA CYS A 136 -12.97 -16.76 6.15
C CYS A 136 -12.61 -15.70 7.19
N ASN A 137 -12.99 -14.45 6.92
CA ASN A 137 -12.73 -13.36 7.87
C ASN A 137 -13.80 -13.32 8.97
N ILE A 138 -15.05 -13.65 8.61
CA ILE A 138 -16.12 -13.71 9.59
C ILE A 138 -15.73 -14.80 10.59
N LYS A 139 -15.11 -15.87 10.08
CA LYS A 139 -14.66 -16.98 10.92
C LYS A 139 -13.63 -16.44 11.93
N LEU A 140 -12.65 -15.68 11.44
CA LEU A 140 -11.61 -15.09 12.29
C LEU A 140 -12.27 -14.19 13.33
N LEU A 141 -13.12 -13.28 12.85
CA LEU A 141 -13.79 -12.33 13.75
C LEU A 141 -14.51 -13.05 14.87
N LYS A 142 -15.32 -14.05 14.51
CA LYS A 142 -16.05 -14.79 15.51
C LYS A 142 -15.13 -15.42 16.54
N ALA A 143 -14.00 -15.93 16.07
CA ALA A 143 -13.04 -16.56 16.96
C ALA A 143 -12.45 -15.52 17.94
N LEU A 144 -12.18 -14.31 17.43
CA LEU A 144 -11.62 -13.25 18.28
C LEU A 144 -12.71 -12.80 19.26
N ARG A 145 -13.93 -12.65 18.76
CA ARG A 145 -15.01 -12.24 19.64
C ARG A 145 -15.13 -13.22 20.79
N VAL A 146 -15.04 -14.51 20.48
CA VAL A 146 -15.18 -15.52 21.53
C VAL A 146 -14.09 -15.39 22.59
N ARG A 147 -12.86 -15.17 22.13
CA ARG A 147 -11.74 -15.03 23.06
C ARG A 147 -11.96 -13.81 23.93
N LYS A 148 -12.55 -12.79 23.32
CA LYS A 148 -12.81 -11.54 24.01
C LYS A 148 -13.85 -11.80 25.09
N LYS A 149 -14.87 -12.60 24.76
CA LYS A 149 -15.93 -12.94 25.70
C LYS A 149 -15.38 -13.83 26.81
N MET A 150 -14.56 -14.79 26.42
CA MET A 150 -13.93 -15.70 27.36
C MET A 150 -13.13 -14.94 28.41
N SER A 151 -12.44 -13.88 27.99
CA SER A 151 -11.60 -13.09 28.89
C SER A 151 -12.29 -12.21 29.92
N GLY A 152 -13.55 -11.86 29.68
CA GLY A 152 -14.25 -10.98 30.59
C GLY A 152 -14.52 -9.71 29.80
N GLU A 153 -15.71 -9.13 29.92
CA GLU A 153 -16.08 -7.96 29.13
C GLU A 153 -14.95 -7.01 28.70
N LYS A 154 -14.44 -6.17 29.61
CA LYS A 154 -13.36 -5.28 29.20
C LYS A 154 -12.08 -5.70 29.93
N MET A 155 -11.82 -6.99 29.88
CA MET A 155 -10.67 -7.57 30.55
C MET A 155 -9.52 -7.83 29.61
N PRO A 156 -8.29 -7.69 30.10
CA PRO A 156 -7.12 -7.93 29.25
C PRO A 156 -7.22 -9.35 28.63
N VAL A 157 -6.81 -9.51 27.38
CA VAL A 157 -6.86 -10.85 26.82
C VAL A 157 -5.46 -11.44 26.99
N LYS A 158 -5.37 -12.71 27.38
CA LYS A 158 -4.06 -13.31 27.61
C LYS A 158 -3.47 -14.02 26.39
N MET A 159 -4.33 -14.63 25.58
CA MET A 159 -3.87 -15.35 24.40
C MET A 159 -4.55 -14.84 23.14
N ILE A 160 -3.82 -14.88 22.03
CA ILE A 160 -4.34 -14.41 20.75
C ILE A 160 -3.63 -15.12 19.62
N GLY A 161 -2.34 -15.38 19.78
CA GLY A 161 -1.58 -16.07 18.75
C GLY A 161 -2.19 -17.38 18.23
N ASP A 162 -2.71 -18.22 19.13
CA ASP A 162 -3.32 -19.50 18.73
C ASP A 162 -4.42 -19.34 17.71
N ILE A 163 -5.28 -18.34 17.91
CA ILE A 163 -6.36 -18.06 16.98
C ILE A 163 -5.84 -17.57 15.64
N LEU A 164 -4.83 -16.70 15.66
CA LEU A 164 -4.27 -16.16 14.41
C LEU A 164 -3.53 -17.24 13.64
N SER A 165 -2.76 -18.03 14.39
CA SER A 165 -1.98 -19.14 13.86
C SER A 165 -2.94 -20.11 13.18
N ALA A 166 -4.06 -20.38 13.84
CA ALA A 166 -5.06 -21.29 13.33
C ALA A 166 -5.87 -20.68 12.21
N GLN A 167 -6.18 -19.39 12.35
CA GLN A 167 -7.03 -18.77 11.37
C GLN A 167 -6.40 -18.36 10.04
N LEU A 168 -5.13 -17.97 10.09
CA LEU A 168 -4.45 -17.53 8.88
C LEU A 168 -4.40 -18.52 7.70
N PRO A 169 -4.33 -19.83 7.97
CA PRO A 169 -4.28 -20.83 6.89
C PRO A 169 -5.45 -20.81 5.89
N HIS A 170 -6.63 -20.39 6.35
CA HIS A 170 -7.83 -20.31 5.50
C HIS A 170 -7.89 -19.01 4.68
N MET A 171 -6.86 -18.17 4.80
CA MET A 171 -6.83 -16.89 4.10
C MET A 171 -6.35 -17.04 2.66
N GLN A 172 -6.22 -18.28 2.22
CA GLN A 172 -5.76 -18.55 0.87
C GLN A 172 -6.59 -17.91 -0.25
N PRO A 173 -7.90 -17.71 -0.05
CA PRO A 173 -8.72 -17.10 -1.11
C PRO A 173 -8.29 -15.67 -1.51
N TYR A 174 -7.45 -15.04 -0.67
CA TYR A 174 -6.97 -13.69 -0.92
C TYR A 174 -6.05 -13.59 -2.14
N ILE A 175 -5.27 -14.65 -2.36
CA ILE A 175 -4.32 -14.72 -3.48
C ILE A 175 -5.07 -14.51 -4.78
N ARG A 176 -6.20 -15.20 -4.90
CA ARG A 176 -7.03 -15.07 -6.08
C ARG A 176 -7.66 -13.69 -6.18
N PHE A 177 -8.35 -13.25 -5.12
CA PHE A 177 -8.99 -11.93 -5.18
C PHE A 177 -8.07 -10.77 -5.50
N CYS A 178 -6.93 -10.73 -4.80
CA CYS A 178 -5.96 -9.66 -4.99
C CYS A 178 -5.31 -9.70 -6.36
N SER A 179 -5.08 -10.91 -6.85
CA SER A 179 -4.47 -11.06 -8.15
C SER A 179 -5.36 -10.51 -9.27
N CYS A 180 -6.67 -10.62 -9.10
CA CYS A 180 -7.63 -10.16 -10.11
C CYS A 180 -8.23 -8.77 -9.93
N GLN A 181 -7.98 -8.14 -8.79
CA GLN A 181 -8.54 -6.82 -8.54
C GLN A 181 -8.02 -5.78 -9.53
N LEU A 182 -6.89 -6.06 -10.17
CA LEU A 182 -6.31 -5.11 -11.14
C LEU A 182 -7.21 -4.91 -12.36
N ASN A 183 -7.78 -6.00 -12.86
CA ASN A 183 -8.67 -5.97 -14.01
C ASN A 183 -10.03 -5.47 -13.56
N GLY A 184 -10.51 -6.06 -12.46
CA GLY A 184 -11.79 -5.65 -11.91
C GLY A 184 -11.88 -4.15 -11.85
N ALA A 185 -10.74 -3.52 -11.58
CA ALA A 185 -10.68 -2.07 -11.48
C ALA A 185 -10.78 -1.44 -12.86
N ALA A 186 -10.18 -2.09 -13.85
CA ALA A 186 -10.20 -1.61 -15.22
C ALA A 186 -11.63 -1.77 -15.74
N LEU A 187 -12.21 -2.93 -15.48
CA LEU A 187 -13.59 -3.27 -15.88
C LEU A 187 -14.50 -2.12 -15.45
N ILE A 188 -14.61 -1.91 -14.14
CA ILE A 188 -15.43 -0.84 -13.57
C ILE A 188 -15.19 0.50 -14.29
N GLN A 189 -13.97 0.78 -14.69
CA GLN A 189 -13.71 2.05 -15.35
C GLN A 189 -14.20 2.02 -16.80
N GLN A 190 -13.98 0.90 -17.46
CA GLN A 190 -14.41 0.75 -18.85
C GLN A 190 -15.92 0.99 -18.91
N LYS A 191 -16.67 0.20 -18.15
CA LYS A 191 -18.13 0.33 -18.08
C LYS A 191 -18.57 1.75 -17.73
N THR A 192 -18.01 2.33 -16.68
CA THR A 192 -18.41 3.68 -16.28
C THR A 192 -18.03 4.72 -17.34
N ASP A 193 -17.48 4.24 -18.46
CA ASP A 193 -17.10 5.13 -19.55
C ASP A 193 -17.95 4.84 -20.78
N GLU A 194 -18.19 3.56 -21.04
CA GLU A 194 -18.99 3.15 -22.18
C GLU A 194 -20.49 3.08 -21.87
N ALA A 195 -20.83 2.68 -20.64
CA ALA A 195 -22.24 2.54 -20.23
C ALA A 195 -22.73 3.67 -19.33
N PRO A 196 -23.37 4.70 -19.92
CA PRO A 196 -23.89 5.85 -19.15
C PRO A 196 -24.86 5.42 -18.06
N ASP A 197 -25.58 4.32 -18.30
CA ASP A 197 -26.52 3.81 -17.32
C ASP A 197 -25.74 3.32 -16.11
N PHE A 198 -24.51 2.90 -16.37
CA PHE A 198 -23.63 2.38 -15.32
C PHE A 198 -23.11 3.51 -14.43
N LYS A 199 -22.38 4.45 -15.00
CA LYS A 199 -21.85 5.58 -14.25
C LYS A 199 -22.87 6.14 -13.27
N GLU A 200 -24.11 6.29 -13.74
CA GLU A 200 -25.19 6.85 -12.92
C GLU A 200 -25.66 5.94 -11.79
N PHE A 201 -25.86 4.67 -12.11
CA PHE A 201 -26.33 3.72 -11.13
C PHE A 201 -25.32 3.51 -9.99
N VAL A 202 -24.05 3.35 -10.35
CA VAL A 202 -23.03 3.14 -9.34
C VAL A 202 -22.75 4.42 -8.58
N LYS A 203 -23.16 5.55 -9.15
CA LYS A 203 -22.97 6.83 -8.46
C LYS A 203 -24.05 6.96 -7.38
N ARG A 204 -25.19 6.33 -7.62
CA ARG A 204 -26.29 6.38 -6.70
C ARG A 204 -26.02 5.39 -5.58
N LEU A 205 -25.50 4.23 -5.95
CA LEU A 205 -25.19 3.20 -4.98
C LEU A 205 -24.21 3.76 -3.93
N ALA A 206 -23.21 4.47 -4.40
CA ALA A 206 -22.17 5.02 -3.53
C ALA A 206 -22.56 6.16 -2.61
N MET A 207 -23.76 6.71 -2.75
CA MET A 207 -24.11 7.82 -1.85
C MET A 207 -24.76 7.37 -0.55
N ASP A 208 -24.80 6.05 -0.36
CA ASP A 208 -25.32 5.47 0.87
C ASP A 208 -24.41 6.11 1.93
N PRO A 209 -24.99 6.72 2.99
CA PRO A 209 -24.18 7.37 4.03
C PRO A 209 -23.10 6.51 4.70
N ARG A 210 -23.28 5.19 4.71
CA ARG A 210 -22.30 4.29 5.30
C ARG A 210 -21.01 4.21 4.47
N CYS A 211 -21.03 4.77 3.27
CA CYS A 211 -19.88 4.78 2.38
C CYS A 211 -18.97 5.94 2.72
N LYS A 212 -19.48 6.86 3.53
CA LYS A 212 -18.75 8.05 3.92
C LYS A 212 -18.06 8.70 2.72
N GLY A 213 -18.63 8.51 1.54
CA GLY A 213 -18.08 9.12 0.33
C GLY A 213 -16.99 8.35 -0.39
N MET A 214 -16.81 7.08 -0.03
CA MET A 214 -15.79 6.29 -0.68
C MET A 214 -16.37 5.51 -1.87
N PRO A 215 -15.81 5.76 -3.07
CA PRO A 215 -16.25 5.09 -4.30
C PRO A 215 -15.92 3.61 -4.21
N LEU A 216 -16.65 2.78 -4.96
CA LEU A 216 -16.42 1.33 -4.95
C LEU A 216 -15.00 0.97 -5.42
N SER A 217 -14.35 1.87 -6.17
CA SER A 217 -13.00 1.59 -6.67
C SER A 217 -11.96 1.63 -5.55
N SER A 218 -12.36 2.12 -4.38
CA SER A 218 -11.48 2.19 -3.22
C SER A 218 -11.83 1.11 -2.24
N PHE A 219 -13.10 0.76 -2.14
CA PHE A 219 -13.49 -0.30 -1.22
C PHE A 219 -12.89 -1.59 -1.70
N ILE A 220 -12.79 -1.71 -3.01
CA ILE A 220 -12.28 -2.90 -3.65
C ILE A 220 -10.79 -3.11 -3.31
N LEU A 221 -10.12 -2.05 -2.84
CA LEU A 221 -8.71 -2.15 -2.48
C LEU A 221 -8.49 -2.64 -1.06
N LYS A 222 -9.56 -2.73 -0.27
CA LYS A 222 -9.43 -3.14 1.12
C LYS A 222 -8.85 -4.51 1.41
N PRO A 223 -9.23 -5.53 0.62
CA PRO A 223 -8.68 -6.87 0.86
C PRO A 223 -7.13 -6.89 0.85
N MET A 224 -6.52 -6.22 -0.12
CA MET A 224 -5.07 -6.13 -0.21
C MET A 224 -4.51 -5.40 1.02
N GLN A 225 -5.10 -4.24 1.31
CA GLN A 225 -4.73 -3.42 2.45
C GLN A 225 -4.73 -4.23 3.74
N ARG A 226 -5.74 -5.08 3.93
CA ARG A 226 -5.85 -5.86 5.15
C ARG A 226 -4.77 -6.93 5.22
N VAL A 227 -4.48 -7.54 4.09
CA VAL A 227 -3.48 -8.59 4.04
C VAL A 227 -2.09 -8.08 4.37
N THR A 228 -1.74 -6.90 3.87
CA THR A 228 -0.42 -6.37 4.16
C THR A 228 -0.37 -5.82 5.60
N ARG A 229 -1.51 -5.40 6.14
CA ARG A 229 -1.54 -4.88 7.50
C ARG A 229 -1.29 -5.93 8.61
N TYR A 230 -1.86 -7.13 8.46
CA TYR A 230 -1.71 -8.18 9.49
C TYR A 230 -0.31 -8.35 10.07
N PRO A 231 0.70 -8.63 9.22
CA PRO A 231 2.08 -8.80 9.72
C PRO A 231 2.47 -7.65 10.64
N LEU A 232 2.22 -6.43 10.19
CA LEU A 232 2.59 -5.30 10.99
C LEU A 232 1.98 -5.36 12.39
N ILE A 233 0.68 -5.60 12.49
CA ILE A 233 0.10 -5.61 13.82
C ILE A 233 0.61 -6.77 14.66
N ILE A 234 0.67 -7.97 14.07
CA ILE A 234 1.14 -9.16 14.78
C ILE A 234 2.58 -8.98 15.31
N LYS A 235 3.46 -8.42 14.50
CA LYS A 235 4.82 -8.20 14.97
C LYS A 235 4.78 -7.31 16.22
N ASN A 236 3.99 -6.24 16.22
CA ASN A 236 3.94 -5.40 17.43
C ASN A 236 3.42 -6.17 18.64
N ILE A 237 2.51 -7.10 18.44
CA ILE A 237 1.99 -7.86 19.56
C ILE A 237 3.12 -8.76 20.07
N LEU A 238 3.78 -9.48 19.16
CA LEU A 238 4.88 -10.38 19.49
C LEU A 238 5.95 -9.64 20.31
N GLU A 239 6.40 -8.50 19.80
CA GLU A 239 7.40 -7.71 20.49
C GLU A 239 7.06 -7.36 21.91
N ASN A 240 5.80 -7.50 22.30
CA ASN A 240 5.44 -7.13 23.67
C ASN A 240 4.96 -8.33 24.45
N THR A 241 5.37 -9.49 23.95
CA THR A 241 5.11 -10.80 24.53
C THR A 241 6.47 -11.47 24.78
N PRO A 242 6.86 -11.64 26.07
CA PRO A 242 8.14 -12.27 26.41
C PRO A 242 8.15 -13.74 25.97
N GLU A 243 9.33 -14.30 25.73
CA GLU A 243 9.46 -15.68 25.28
C GLU A 243 8.90 -16.71 26.28
N ASN A 244 8.87 -16.35 27.56
CA ASN A 244 8.34 -17.26 28.58
C ASN A 244 6.82 -17.18 28.65
N HIS A 245 6.24 -16.34 27.81
CA HIS A 245 4.80 -16.15 27.80
C HIS A 245 4.15 -17.26 26.99
N PRO A 246 3.03 -17.80 27.48
CA PRO A 246 2.33 -18.87 26.80
C PRO A 246 1.80 -18.58 25.40
N ASP A 247 1.78 -17.31 24.99
CA ASP A 247 1.28 -17.00 23.64
C ASP A 247 2.41 -16.72 22.66
N HIS A 248 3.58 -16.42 23.21
CA HIS A 248 4.77 -16.10 22.40
C HIS A 248 5.01 -16.99 21.18
N SER A 249 5.04 -18.31 21.41
CA SER A 249 5.26 -19.28 20.35
C SER A 249 4.23 -19.19 19.23
N HIS A 250 2.96 -19.07 19.61
CA HIS A 250 1.89 -18.97 18.61
C HIS A 250 2.08 -17.68 17.81
N LEU A 251 2.34 -16.59 18.52
CA LEU A 251 2.53 -15.31 17.84
C LEU A 251 3.63 -15.43 16.81
N LYS A 252 4.74 -16.06 17.20
CA LYS A 252 5.87 -16.26 16.28
C LYS A 252 5.39 -17.06 15.06
N HIS A 253 4.64 -18.12 15.31
CA HIS A 253 4.12 -18.94 14.21
C HIS A 253 3.16 -18.11 13.34
N ALA A 254 2.27 -17.37 13.99
CA ALA A 254 1.29 -16.53 13.28
C ALA A 254 1.95 -15.42 12.44
N LEU A 255 2.98 -14.76 12.98
CA LEU A 255 3.65 -13.71 12.23
C LEU A 255 4.11 -14.30 10.92
N GLU A 256 4.71 -15.48 11.01
CA GLU A 256 5.25 -16.20 9.86
C GLU A 256 4.17 -16.52 8.83
N LYS A 257 3.07 -17.14 9.27
CA LYS A 257 2.00 -17.45 8.32
C LYS A 257 1.49 -16.15 7.66
N ALA A 258 1.42 -15.06 8.43
CA ALA A 258 0.95 -13.79 7.93
C ALA A 258 1.91 -13.19 6.90
N GLU A 259 3.20 -13.27 7.18
CA GLU A 259 4.18 -12.71 6.26
C GLU A 259 4.19 -13.44 4.94
N GLU A 260 4.03 -14.76 4.96
CA GLU A 260 4.06 -15.46 3.68
C GLU A 260 2.74 -15.29 2.93
N LEU A 261 1.63 -15.19 3.66
CA LEU A 261 0.35 -14.97 2.98
C LEU A 261 0.53 -13.72 2.13
N CYS A 262 1.08 -12.69 2.77
CA CYS A 262 1.32 -11.43 2.11
C CYS A 262 2.24 -11.63 0.90
N SER A 263 3.31 -12.42 1.07
CA SER A 263 4.23 -12.75 -0.04
C SER A 263 3.48 -13.46 -1.15
N GLN A 264 2.78 -14.54 -0.81
CA GLN A 264 1.99 -15.29 -1.80
C GLN A 264 1.03 -14.36 -2.52
N VAL A 265 0.41 -13.46 -1.77
CA VAL A 265 -0.53 -12.53 -2.40
C VAL A 265 0.19 -11.65 -3.41
N ASN A 266 1.31 -11.06 -2.98
CA ASN A 266 2.08 -10.17 -3.83
C ASN A 266 2.71 -10.92 -5.01
N GLU A 267 3.08 -12.18 -4.82
CA GLU A 267 3.62 -12.95 -5.93
C GLU A 267 2.52 -13.13 -6.99
N GLY A 268 1.32 -13.50 -6.54
CA GLY A 268 0.18 -13.69 -7.44
C GLY A 268 -0.13 -12.43 -8.22
N VAL A 269 -0.11 -11.29 -7.54
CA VAL A 269 -0.40 -10.04 -8.22
C VAL A 269 0.59 -9.84 -9.35
N ARG A 270 1.88 -9.91 -9.03
CA ARG A 270 2.96 -9.75 -10.01
C ARG A 270 2.85 -10.77 -11.15
N GLU A 271 2.65 -12.03 -10.80
CA GLU A 271 2.54 -13.09 -11.79
C GLU A 271 1.45 -12.71 -12.77
N LYS A 272 0.24 -12.51 -12.24
CA LYS A 272 -0.92 -12.15 -13.05
C LYS A 272 -0.69 -10.90 -13.89
N GLU A 273 0.04 -9.92 -13.37
CA GLU A 273 0.29 -8.70 -14.11
C GLU A 273 1.33 -8.92 -15.23
N ASN A 274 2.24 -9.86 -14.99
CA ASN A 274 3.27 -10.17 -15.96
C ASN A 274 2.67 -10.94 -17.14
N SER A 275 1.80 -11.90 -16.82
CA SER A 275 1.14 -12.72 -17.82
C SER A 275 0.23 -11.89 -18.72
N ASP A 276 -0.07 -10.66 -18.33
CA ASP A 276 -0.91 -9.79 -19.18
C ASP A 276 -0.02 -9.09 -20.22
N ARG A 277 1.14 -9.70 -20.49
CA ARG A 277 2.10 -9.18 -21.48
C ARG A 277 2.37 -10.30 -22.48
N LEU A 278 1.79 -11.47 -22.24
CA LEU A 278 1.97 -12.62 -23.11
C LEU A 278 0.69 -12.86 -23.92
N LEU B 56 1.55 -23.70 -17.68
CA LEU B 56 1.94 -22.89 -16.49
C LEU B 56 2.92 -21.79 -16.83
N THR B 57 2.67 -20.57 -16.33
CA THR B 57 3.58 -19.46 -16.59
C THR B 57 4.76 -19.57 -15.62
N THR B 58 4.52 -20.13 -14.44
CA THR B 58 5.58 -20.30 -13.45
C THR B 58 6.65 -21.28 -13.92
N ASP B 59 6.33 -22.00 -15.00
CA ASP B 59 7.26 -22.96 -15.58
C ASP B 59 7.80 -22.41 -16.89
N MET B 60 7.87 -21.09 -16.95
CA MET B 60 8.39 -20.39 -18.12
C MET B 60 9.79 -19.99 -17.71
N ASP B 61 10.65 -19.77 -18.69
CA ASP B 61 12.00 -19.34 -18.35
C ASP B 61 12.02 -17.83 -18.45
N PRO B 62 12.13 -17.16 -17.31
CA PRO B 62 12.17 -15.70 -17.27
C PRO B 62 12.87 -15.02 -18.44
N SER B 63 13.98 -15.59 -18.92
CA SER B 63 14.72 -14.97 -20.02
C SER B 63 13.98 -15.04 -21.35
N GLN B 64 13.10 -16.03 -21.47
CA GLN B 64 12.33 -16.21 -22.68
C GLN B 64 11.28 -15.13 -22.76
N GLN B 65 10.93 -14.58 -21.60
CA GLN B 65 9.92 -13.53 -21.53
C GLN B 65 10.48 -12.11 -21.49
N TRP B 66 11.64 -11.93 -20.86
CA TRP B 66 12.20 -10.59 -20.72
C TRP B 66 13.41 -10.22 -21.55
N CYS B 67 14.11 -11.23 -22.08
CA CYS B 67 15.33 -10.97 -22.84
C CYS B 67 15.69 -12.18 -23.70
N SER B 68 14.76 -12.64 -24.54
CA SER B 68 15.04 -13.80 -25.39
C SER B 68 16.06 -13.49 -26.47
N ASP B 69 16.15 -12.21 -26.86
CA ASP B 69 17.12 -11.79 -27.88
C ASP B 69 18.51 -11.57 -27.28
N LEU B 70 18.84 -12.29 -26.22
CA LEU B 70 20.14 -12.08 -25.59
C LEU B 70 21.23 -12.91 -26.26
N HIS B 71 22.38 -12.27 -26.49
CA HIS B 71 23.52 -12.93 -27.12
C HIS B 71 24.08 -14.07 -26.27
N LEU B 72 24.17 -15.24 -26.88
CA LEU B 72 24.71 -16.43 -26.22
C LEU B 72 23.82 -16.93 -25.11
N LEU B 73 22.55 -16.50 -25.09
CA LEU B 73 21.62 -16.91 -24.05
C LEU B 73 21.65 -18.43 -23.85
N ASP B 74 21.65 -19.16 -24.96
CA ASP B 74 21.66 -20.62 -24.97
C ASP B 74 22.91 -21.27 -24.36
N MET B 75 24.02 -20.54 -24.30
CA MET B 75 25.25 -21.08 -23.72
C MET B 75 25.47 -20.84 -22.23
N LEU B 76 24.57 -20.08 -21.59
CA LEU B 76 24.67 -19.79 -20.16
C LEU B 76 24.11 -20.96 -19.37
N THR B 77 24.51 -21.06 -18.10
CA THR B 77 24.01 -22.13 -17.24
C THR B 77 22.49 -21.97 -17.10
N PRO B 78 21.76 -23.01 -16.67
CA PRO B 78 20.32 -22.80 -16.56
C PRO B 78 19.96 -21.75 -15.52
N THR B 79 20.51 -21.87 -14.32
CA THR B 79 20.21 -20.92 -13.28
C THR B 79 20.58 -19.51 -13.73
N GLU B 80 21.76 -19.35 -14.33
CA GLU B 80 22.18 -18.02 -14.78
C GLU B 80 21.31 -17.44 -15.88
N ARG B 81 20.52 -18.29 -16.54
CA ARG B 81 19.65 -17.81 -17.60
C ARG B 81 18.47 -17.12 -16.94
N LYS B 82 18.00 -17.75 -15.87
CA LYS B 82 16.89 -17.24 -15.10
C LYS B 82 17.29 -15.90 -14.50
N ARG B 83 18.50 -15.86 -13.94
CA ARG B 83 19.02 -14.66 -13.34
C ARG B 83 19.00 -13.49 -14.33
N GLN B 84 19.25 -13.78 -15.60
CA GLN B 84 19.22 -12.74 -16.62
C GLN B 84 17.78 -12.35 -16.92
N GLY B 85 16.89 -13.33 -16.87
CA GLY B 85 15.48 -13.06 -17.10
C GLY B 85 14.94 -12.05 -16.10
N TYR B 86 15.19 -12.32 -14.81
CA TYR B 86 14.74 -11.44 -13.74
C TYR B 86 15.46 -10.12 -13.72
N ILE B 87 16.64 -10.03 -14.30
CA ILE B 87 17.33 -8.76 -14.27
C ILE B 87 16.63 -7.87 -15.29
N HIS B 88 16.28 -8.47 -16.42
CA HIS B 88 15.63 -7.71 -17.46
C HIS B 88 14.18 -7.41 -17.10
N GLU B 89 13.59 -8.21 -16.22
CA GLU B 89 12.24 -7.91 -15.76
C GLU B 89 12.35 -6.60 -14.98
N LEU B 90 13.34 -6.54 -14.08
CA LEU B 90 13.58 -5.35 -13.28
C LEU B 90 13.77 -4.18 -14.25
N ILE B 91 14.79 -4.28 -15.07
CA ILE B 91 15.11 -3.24 -16.05
C ILE B 91 13.95 -2.84 -16.98
N VAL B 92 13.26 -3.82 -17.56
CA VAL B 92 12.15 -3.52 -18.48
C VAL B 92 10.98 -2.84 -17.78
N THR B 93 10.46 -3.45 -16.71
CA THR B 93 9.34 -2.86 -15.98
C THR B 93 9.70 -1.50 -15.36
N GLU B 94 11.00 -1.21 -15.26
CA GLU B 94 11.48 0.04 -14.70
C GLU B 94 11.45 1.13 -15.75
N GLU B 95 11.75 0.76 -17.00
CA GLU B 95 11.70 1.72 -18.11
C GLU B 95 10.23 2.14 -18.22
N ASN B 96 9.36 1.15 -18.07
CA ASN B 96 7.90 1.30 -18.12
C ASN B 96 7.35 2.17 -16.97
N TYR B 97 7.72 1.80 -15.75
CA TYR B 97 7.30 2.52 -14.57
C TYR B 97 7.68 4.00 -14.69
N VAL B 98 8.97 4.28 -14.86
CA VAL B 98 9.41 5.67 -14.95
C VAL B 98 8.63 6.41 -16.02
N ASN B 99 8.25 5.69 -17.06
CA ASN B 99 7.50 6.28 -18.14
C ASN B 99 6.15 6.77 -17.66
N ASP B 100 5.45 5.92 -16.92
CA ASP B 100 4.15 6.29 -16.37
C ASP B 100 4.29 7.45 -15.38
N LEU B 101 5.33 7.44 -14.55
CA LEU B 101 5.48 8.52 -13.60
C LEU B 101 5.56 9.87 -14.30
N GLN B 102 6.19 9.92 -15.47
CA GLN B 102 6.28 11.18 -16.19
C GLN B 102 4.99 11.49 -16.93
N LEU B 103 4.29 10.44 -17.35
CA LEU B 103 3.01 10.59 -18.05
C LEU B 103 2.01 11.27 -17.13
N VAL B 104 1.91 10.75 -15.90
CA VAL B 104 0.98 11.30 -14.93
C VAL B 104 1.24 12.79 -14.69
N THR B 105 2.51 13.16 -14.63
CA THR B 105 2.84 14.56 -14.42
C THR B 105 2.58 15.38 -15.68
N GLU B 106 2.82 14.81 -16.84
CA GLU B 106 2.63 15.53 -18.09
C GLU B 106 1.16 15.73 -18.45
N ILE B 107 0.32 14.75 -18.16
CA ILE B 107 -1.07 14.90 -18.55
C ILE B 107 -2.11 14.88 -17.42
N PHE B 108 -1.70 15.30 -16.22
CA PHE B 108 -2.59 15.37 -15.06
C PHE B 108 -2.11 16.41 -14.05
N GLN B 109 -0.89 16.25 -13.57
CA GLN B 109 -0.36 17.16 -12.58
C GLN B 109 -0.25 18.60 -13.09
N LYS B 110 0.65 18.86 -14.04
CA LYS B 110 0.81 20.22 -14.58
C LYS B 110 -0.51 20.79 -15.11
N PRO B 111 -1.36 19.96 -15.75
CA PRO B 111 -2.64 20.44 -16.28
C PRO B 111 -3.58 20.90 -15.15
N LEU B 112 -3.67 20.10 -14.09
CA LEU B 112 -4.53 20.46 -12.96
C LEU B 112 -3.92 21.59 -12.16
N THR B 113 -2.64 21.86 -12.34
CA THR B 113 -2.01 22.95 -11.62
C THR B 113 -2.29 24.22 -12.41
N GLU B 114 -2.75 24.05 -13.65
CA GLU B 114 -3.10 25.16 -14.52
C GLU B 114 -4.61 25.38 -14.41
N SER B 115 -5.36 24.32 -14.65
CA SER B 115 -6.82 24.31 -14.61
C SER B 115 -7.46 25.28 -13.63
N GLU B 116 -6.82 25.50 -12.50
CA GLU B 116 -7.34 26.42 -11.49
C GLU B 116 -8.66 25.96 -10.88
N LEU B 117 -9.07 24.72 -11.17
CA LEU B 117 -10.30 24.18 -10.61
C LEU B 117 -10.09 23.68 -9.18
N LEU B 118 -8.87 23.89 -8.65
CA LEU B 118 -8.52 23.50 -7.29
C LEU B 118 -7.29 24.29 -6.84
N THR B 119 -7.20 24.55 -5.54
CA THR B 119 -6.09 25.31 -4.99
C THR B 119 -4.75 24.58 -5.11
N GLU B 120 -3.66 25.29 -4.82
CA GLU B 120 -2.34 24.68 -4.88
C GLU B 120 -2.31 23.56 -3.83
N LYS B 121 -2.80 23.89 -2.63
CA LYS B 121 -2.85 22.96 -1.50
C LYS B 121 -3.61 21.70 -1.84
N GLU B 122 -4.60 21.81 -2.71
CA GLU B 122 -5.39 20.65 -3.13
C GLU B 122 -4.60 19.79 -4.13
N VAL B 123 -3.76 20.45 -4.93
CA VAL B 123 -2.93 19.75 -5.90
C VAL B 123 -1.93 18.95 -5.07
N ALA B 124 -1.23 19.65 -4.19
CA ALA B 124 -0.24 19.06 -3.31
C ALA B 124 -0.80 17.87 -2.52
N MET B 125 -2.09 17.90 -2.19
CA MET B 125 -2.68 16.80 -1.44
C MET B 125 -2.92 15.57 -2.30
N ILE B 126 -3.17 15.80 -3.59
CA ILE B 126 -3.41 14.69 -4.50
C ILE B 126 -2.10 14.08 -5.02
N PHE B 127 -1.20 14.93 -5.51
CA PHE B 127 0.08 14.47 -6.04
C PHE B 127 1.18 14.41 -5.02
N VAL B 128 1.01 15.12 -3.91
CA VAL B 128 2.01 15.10 -2.86
C VAL B 128 3.40 15.24 -3.49
N ASN B 129 4.37 14.43 -3.05
CA ASN B 129 5.72 14.52 -3.60
C ASN B 129 5.99 13.67 -4.84
N TRP B 130 5.02 13.58 -5.75
CA TRP B 130 5.17 12.80 -6.98
C TRP B 130 6.40 13.20 -7.81
N LYS B 131 6.75 14.48 -7.78
CA LYS B 131 7.92 14.96 -8.50
C LYS B 131 9.19 14.31 -7.98
N GLU B 132 9.24 14.07 -6.66
CA GLU B 132 10.39 13.42 -6.00
C GLU B 132 10.57 11.97 -6.45
N LEU B 133 9.46 11.23 -6.56
CA LEU B 133 9.54 9.84 -6.98
C LEU B 133 10.20 9.76 -8.35
N ILE B 134 9.78 10.66 -9.24
CA ILE B 134 10.32 10.75 -10.60
C ILE B 134 11.84 10.92 -10.58
N MET B 135 12.33 11.82 -9.74
CA MET B 135 13.77 12.06 -9.70
C MET B 135 14.59 10.86 -9.28
N CYS B 136 14.19 10.22 -8.19
CA CYS B 136 14.96 9.08 -7.72
C CYS B 136 14.88 7.86 -8.64
N ASN B 137 13.74 7.61 -9.27
CA ASN B 137 13.64 6.47 -10.18
C ASN B 137 14.36 6.69 -11.53
N ILE B 138 14.52 7.96 -11.93
CA ILE B 138 15.23 8.26 -13.16
C ILE B 138 16.67 7.90 -12.83
N LYS B 139 17.12 8.32 -11.64
CA LYS B 139 18.47 8.05 -11.16
C LYS B 139 18.71 6.54 -11.22
N LEU B 140 17.71 5.77 -10.78
CA LEU B 140 17.82 4.33 -10.79
C LEU B 140 17.90 3.80 -12.22
N LEU B 141 17.04 4.33 -13.09
CA LEU B 141 16.99 3.88 -14.48
C LEU B 141 18.26 4.26 -15.21
N LYS B 142 18.68 5.52 -15.07
CA LYS B 142 19.89 5.97 -15.73
C LYS B 142 21.04 5.06 -15.39
N ALA B 143 21.21 4.75 -14.11
CA ALA B 143 22.28 3.86 -13.68
C ALA B 143 22.10 2.44 -14.25
N LEU B 144 20.85 1.98 -14.35
CA LEU B 144 20.60 0.66 -14.92
C LEU B 144 20.95 0.70 -16.41
N ARG B 145 20.60 1.80 -17.08
CA ARG B 145 20.88 1.97 -18.50
C ARG B 145 22.38 1.98 -18.78
N VAL B 146 23.16 2.56 -17.87
CA VAL B 146 24.61 2.61 -18.05
C VAL B 146 25.24 1.23 -17.93
N ARG B 147 24.81 0.47 -16.93
CA ARG B 147 25.33 -0.88 -16.72
C ARG B 147 25.00 -1.74 -17.94
N LYS B 148 23.86 -1.46 -18.55
CA LYS B 148 23.40 -2.21 -19.72
C LYS B 148 24.24 -1.86 -20.95
N LYS B 149 24.63 -0.60 -21.05
CA LYS B 149 25.43 -0.12 -22.17
C LYS B 149 26.84 -0.69 -22.05
N MET B 150 27.46 -0.47 -20.89
CA MET B 150 28.80 -0.95 -20.60
C MET B 150 28.91 -2.48 -20.69
N SER B 151 27.78 -3.17 -20.69
CA SER B 151 27.82 -4.63 -20.80
C SER B 151 27.77 -5.09 -22.25
N GLY B 152 27.29 -4.20 -23.12
CA GLY B 152 27.19 -4.52 -24.53
C GLY B 152 25.73 -4.65 -24.92
N GLU B 153 25.38 -4.16 -26.10
CA GLU B 153 24.00 -4.18 -26.57
C GLU B 153 23.10 -5.27 -25.97
N LYS B 154 23.09 -6.45 -26.58
CA LYS B 154 22.24 -7.52 -26.05
C LYS B 154 23.06 -8.51 -25.28
N MET B 155 24.04 -7.98 -24.54
CA MET B 155 24.95 -8.77 -23.73
C MET B 155 24.51 -9.00 -22.27
N PRO B 156 24.52 -10.26 -21.83
CA PRO B 156 24.12 -10.61 -20.45
C PRO B 156 24.84 -9.69 -19.48
N VAL B 157 24.13 -9.12 -18.50
CA VAL B 157 24.81 -8.24 -17.57
C VAL B 157 25.26 -9.08 -16.38
N LYS B 158 26.46 -8.82 -15.89
CA LYS B 158 27.03 -9.60 -14.81
C LYS B 158 26.66 -9.05 -13.44
N MET B 159 26.94 -7.78 -13.21
CA MET B 159 26.65 -7.15 -11.92
C MET B 159 25.42 -6.25 -11.93
N ILE B 160 24.51 -6.46 -10.98
CA ILE B 160 23.31 -5.63 -10.87
C ILE B 160 23.10 -5.16 -9.42
N GLY B 161 23.32 -6.08 -8.48
CA GLY B 161 23.18 -5.80 -7.06
C GLY B 161 23.87 -4.56 -6.51
N ASP B 162 25.02 -4.20 -7.06
CA ASP B 162 25.70 -3.02 -6.57
C ASP B 162 24.91 -1.74 -6.89
N ILE B 163 24.30 -1.67 -8.07
CA ILE B 163 23.53 -0.48 -8.43
C ILE B 163 22.30 -0.39 -7.52
N LEU B 164 21.59 -1.50 -7.41
CA LEU B 164 20.39 -1.59 -6.59
C LEU B 164 20.67 -1.22 -5.16
N SER B 165 21.72 -1.78 -4.60
CA SER B 165 22.08 -1.50 -3.21
C SER B 165 22.43 -0.02 -3.00
N ALA B 166 23.01 0.61 -4.00
CA ALA B 166 23.39 2.01 -3.91
C ALA B 166 22.21 2.94 -4.16
N GLN B 167 21.29 2.46 -4.98
CA GLN B 167 20.10 3.24 -5.36
C GLN B 167 18.96 3.23 -4.33
N LEU B 168 18.55 2.03 -3.87
CA LEU B 168 17.46 1.91 -2.90
C LEU B 168 17.47 2.93 -1.72
N PRO B 169 18.64 3.35 -1.24
CA PRO B 169 18.64 4.31 -0.13
C PRO B 169 18.02 5.67 -0.47
N HIS B 170 17.98 6.01 -1.74
CA HIS B 170 17.42 7.30 -2.17
C HIS B 170 15.92 7.28 -2.41
N MET B 171 15.31 6.10 -2.23
CA MET B 171 13.89 5.93 -2.47
C MET B 171 13.04 6.26 -1.26
N GLN B 172 13.62 6.86 -0.22
CA GLN B 172 12.84 7.19 0.97
C GLN B 172 11.58 8.05 0.68
N PRO B 173 11.62 8.90 -0.36
CA PRO B 173 10.45 9.72 -0.66
C PRO B 173 9.15 8.92 -0.80
N TYR B 174 9.28 7.63 -1.13
CA TYR B 174 8.13 6.75 -1.26
C TYR B 174 7.29 6.60 0.01
N ILE B 175 7.93 6.72 1.16
CA ILE B 175 7.22 6.58 2.43
C ILE B 175 6.23 7.74 2.55
N ARG B 176 6.71 8.96 2.36
CA ARG B 176 5.81 10.09 2.44
C ARG B 176 4.65 9.93 1.47
N PHE B 177 4.97 9.71 0.19
CA PHE B 177 3.95 9.55 -0.83
C PHE B 177 2.88 8.50 -0.54
N CYS B 178 3.31 7.26 -0.27
CA CYS B 178 2.38 6.16 -0.02
C CYS B 178 1.52 6.35 1.21
N SER B 179 2.07 6.94 2.26
CA SER B 179 1.29 7.16 3.46
C SER B 179 0.20 8.19 3.18
N CYS B 180 0.45 9.12 2.26
CA CYS B 180 -0.50 10.17 1.94
C CYS B 180 -1.49 9.88 0.80
N GLN B 181 -1.25 8.82 0.02
CA GLN B 181 -2.11 8.51 -1.12
C GLN B 181 -3.57 8.19 -0.82
N LEU B 182 -3.90 7.71 0.38
CA LEU B 182 -5.32 7.43 0.67
C LEU B 182 -6.06 8.76 0.81
N ASN B 183 -5.49 9.72 1.52
CA ASN B 183 -6.14 11.02 1.60
C ASN B 183 -6.20 11.62 0.18
N GLY B 184 -5.24 11.27 -0.67
CA GLY B 184 -5.21 11.79 -2.02
C GLY B 184 -6.32 11.22 -2.88
N ALA B 185 -6.57 9.93 -2.74
CA ALA B 185 -7.62 9.32 -3.54
C ALA B 185 -8.96 9.92 -3.10
N ALA B 186 -9.17 9.97 -1.79
CA ALA B 186 -10.39 10.50 -1.20
C ALA B 186 -10.65 11.93 -1.65
N LEU B 187 -9.59 12.74 -1.71
CA LEU B 187 -9.70 14.13 -2.13
C LEU B 187 -10.19 14.23 -3.58
N ILE B 188 -9.68 13.34 -4.45
CA ILE B 188 -10.04 13.30 -5.86
C ILE B 188 -11.50 12.89 -6.07
N GLN B 189 -11.96 11.93 -5.28
CA GLN B 189 -13.34 11.48 -5.39
C GLN B 189 -14.26 12.50 -4.77
N GLN B 190 -13.73 13.29 -3.83
CA GLN B 190 -14.53 14.31 -3.19
C GLN B 190 -14.75 15.48 -4.15
N LYS B 191 -13.68 15.90 -4.81
CA LYS B 191 -13.77 16.99 -5.76
C LYS B 191 -14.63 16.56 -6.95
N THR B 192 -14.54 15.30 -7.35
CA THR B 192 -15.34 14.86 -8.48
C THR B 192 -16.80 14.69 -8.05
N ASP B 193 -17.05 14.78 -6.75
CA ASP B 193 -18.42 14.65 -6.22
C ASP B 193 -19.03 16.01 -5.86
N GLU B 194 -18.22 17.06 -5.81
CA GLU B 194 -18.76 18.37 -5.45
C GLU B 194 -18.54 19.39 -6.58
N ALA B 195 -17.52 19.18 -7.39
CA ALA B 195 -17.22 20.09 -8.50
C ALA B 195 -17.38 19.41 -9.85
N PRO B 196 -18.45 19.75 -10.60
CA PRO B 196 -18.71 19.17 -11.92
C PRO B 196 -17.64 19.47 -12.97
N ASP B 197 -17.06 20.67 -12.92
CA ASP B 197 -16.02 21.06 -13.86
C ASP B 197 -14.82 20.17 -13.65
N PHE B 198 -14.73 19.59 -12.46
CA PHE B 198 -13.64 18.71 -12.12
C PHE B 198 -13.91 17.33 -12.70
N LYS B 199 -15.02 16.73 -12.32
CA LYS B 199 -15.37 15.40 -12.82
C LYS B 199 -15.23 15.36 -14.33
N GLU B 200 -15.50 16.49 -14.96
CA GLU B 200 -15.42 16.63 -16.41
C GLU B 200 -14.02 16.90 -16.94
N PHE B 201 -13.35 17.94 -16.43
CA PHE B 201 -12.00 18.29 -16.88
C PHE B 201 -11.01 17.14 -16.78
N VAL B 202 -11.08 16.39 -15.67
CA VAL B 202 -10.18 15.27 -15.45
C VAL B 202 -10.49 14.13 -16.41
N LYS B 203 -11.75 14.02 -16.82
CA LYS B 203 -12.15 12.99 -17.78
C LYS B 203 -11.54 13.37 -19.13
N ARG B 204 -11.46 14.68 -19.38
CA ARG B 204 -10.89 15.22 -20.61
C ARG B 204 -9.41 14.91 -20.73
N LEU B 205 -8.71 14.98 -19.60
CA LEU B 205 -7.28 14.70 -19.57
C LEU B 205 -6.98 13.20 -19.73
N ALA B 206 -7.86 12.38 -19.16
CA ALA B 206 -7.73 10.92 -19.18
C ALA B 206 -8.07 10.22 -20.50
N MET B 207 -8.66 10.94 -21.44
CA MET B 207 -9.00 10.32 -22.72
C MET B 207 -7.73 10.18 -23.56
N ASP B 208 -6.70 10.93 -23.16
CA ASP B 208 -5.40 10.89 -23.85
C ASP B 208 -5.12 9.41 -24.17
N PRO B 209 -4.65 9.12 -25.39
CA PRO B 209 -4.35 7.74 -25.80
C PRO B 209 -3.34 6.97 -24.97
N ARG B 210 -2.33 7.65 -24.42
CA ARG B 210 -1.32 6.98 -23.61
C ARG B 210 -1.85 6.46 -22.29
N CYS B 211 -2.95 7.04 -21.80
CA CYS B 211 -3.53 6.57 -20.54
C CYS B 211 -4.09 5.18 -20.78
N LYS B 212 -4.20 4.81 -22.04
CA LYS B 212 -4.72 3.51 -22.41
C LYS B 212 -6.01 3.25 -21.67
N GLY B 213 -6.72 4.33 -21.35
CA GLY B 213 -7.99 4.21 -20.65
C GLY B 213 -7.92 4.05 -19.14
N MET B 214 -6.76 4.31 -18.57
CA MET B 214 -6.56 4.20 -17.13
C MET B 214 -6.78 5.56 -16.48
N PRO B 215 -7.67 5.60 -15.45
CA PRO B 215 -8.03 6.80 -14.71
C PRO B 215 -6.96 7.23 -13.73
N LEU B 216 -6.83 8.55 -13.54
CA LEU B 216 -5.86 9.10 -12.62
C LEU B 216 -5.87 8.38 -11.26
N SER B 217 -7.01 7.81 -10.92
CA SER B 217 -7.15 7.10 -9.64
C SER B 217 -6.40 5.78 -9.66
N SER B 218 -6.13 5.25 -10.85
CA SER B 218 -5.41 3.99 -10.96
C SER B 218 -3.90 4.21 -11.16
N PHE B 219 -3.53 5.38 -11.68
CA PHE B 219 -2.11 5.69 -11.88
C PHE B 219 -1.53 6.08 -10.52
N ILE B 220 -2.41 6.61 -9.68
CA ILE B 220 -2.04 7.07 -8.36
C ILE B 220 -1.61 5.89 -7.48
N LEU B 221 -2.01 4.67 -7.87
CA LEU B 221 -1.63 3.47 -7.11
C LEU B 221 -0.26 2.87 -7.49
N LYS B 222 0.29 3.27 -8.64
CA LYS B 222 1.55 2.71 -9.12
C LYS B 222 2.74 2.76 -8.17
N PRO B 223 3.00 3.94 -7.59
CA PRO B 223 4.12 4.09 -6.66
C PRO B 223 4.18 3.00 -5.56
N MET B 224 3.04 2.72 -4.93
CA MET B 224 3.00 1.69 -3.91
C MET B 224 3.18 0.34 -4.60
N GLN B 225 2.52 0.15 -5.74
CA GLN B 225 2.64 -1.10 -6.48
C GLN B 225 4.11 -1.43 -6.77
N ARG B 226 4.86 -0.47 -7.31
CA ARG B 226 6.27 -0.65 -7.61
C ARG B 226 7.11 -1.03 -6.38
N VAL B 227 7.04 -0.21 -5.34
CA VAL B 227 7.78 -0.44 -4.12
C VAL B 227 7.57 -1.82 -3.50
N THR B 228 6.36 -2.37 -3.59
CA THR B 228 6.17 -3.69 -2.99
C THR B 228 6.62 -4.77 -3.98
N ARG B 229 6.86 -4.36 -5.22
CA ARG B 229 7.31 -5.24 -6.29
C ARG B 229 8.86 -5.47 -6.34
N TYR B 230 9.65 -4.45 -6.01
CA TYR B 230 11.11 -4.58 -6.05
C TYR B 230 11.61 -5.84 -5.34
N PRO B 231 11.26 -6.02 -4.06
CA PRO B 231 11.72 -7.21 -3.32
C PRO B 231 11.44 -8.55 -4.00
N LEU B 232 10.31 -8.64 -4.69
CA LEU B 232 9.98 -9.90 -5.36
C LEU B 232 10.99 -10.23 -6.44
N ILE B 233 11.28 -9.24 -7.28
CA ILE B 233 12.20 -9.37 -8.38
C ILE B 233 13.63 -9.59 -7.88
N ILE B 234 14.10 -8.70 -7.01
CA ILE B 234 15.44 -8.83 -6.45
C ILE B 234 15.65 -10.19 -5.76
N LYS B 235 14.65 -10.63 -5.01
CA LYS B 235 14.76 -11.93 -4.36
C LYS B 235 15.02 -12.98 -5.43
N ASN B 236 14.31 -12.89 -6.55
CA ASN B 236 14.47 -13.84 -7.65
C ASN B 236 15.86 -13.75 -8.24
N ILE B 237 16.33 -12.54 -8.50
CA ILE B 237 17.68 -12.37 -9.04
C ILE B 237 18.67 -13.04 -8.09
N LEU B 238 18.59 -12.71 -6.80
CA LEU B 238 19.47 -13.28 -5.78
C LEU B 238 19.41 -14.81 -5.69
N GLU B 239 18.24 -15.39 -5.93
CA GLU B 239 18.05 -16.84 -5.86
C GLU B 239 18.73 -17.58 -7.01
N ASN B 240 19.11 -16.83 -8.05
CA ASN B 240 19.79 -17.40 -9.19
C ASN B 240 21.18 -16.79 -9.29
N THR B 241 21.80 -16.63 -8.14
CA THR B 241 23.13 -16.06 -8.06
C THR B 241 23.85 -16.83 -6.96
N PRO B 242 24.75 -17.77 -7.32
CA PRO B 242 25.48 -18.57 -6.32
C PRO B 242 26.34 -17.65 -5.44
N GLU B 243 26.60 -18.05 -4.19
CA GLU B 243 27.39 -17.21 -3.28
C GLU B 243 28.80 -16.86 -3.77
N ASN B 244 29.40 -17.72 -4.58
CA ASN B 244 30.72 -17.43 -5.09
C ASN B 244 30.64 -16.31 -6.12
N HIS B 245 29.46 -16.16 -6.75
CA HIS B 245 29.28 -15.08 -7.74
C HIS B 245 29.65 -13.76 -7.08
N PRO B 246 30.30 -12.85 -7.82
CA PRO B 246 30.71 -11.56 -7.25
C PRO B 246 29.61 -10.54 -6.92
N ASP B 247 28.37 -10.86 -7.29
CA ASP B 247 27.23 -9.98 -7.07
C ASP B 247 26.35 -10.41 -5.90
N HIS B 248 26.55 -11.64 -5.45
CA HIS B 248 25.78 -12.22 -4.36
C HIS B 248 25.59 -11.34 -3.13
N SER B 249 26.68 -10.97 -2.47
CA SER B 249 26.57 -10.13 -1.30
C SER B 249 25.86 -8.81 -1.59
N HIS B 250 26.14 -8.23 -2.76
CA HIS B 250 25.48 -7.00 -3.16
C HIS B 250 23.96 -7.20 -3.26
N LEU B 251 23.56 -8.31 -3.85
CA LEU B 251 22.15 -8.61 -4.01
C LEU B 251 21.51 -8.93 -2.66
N LYS B 252 22.29 -9.50 -1.76
CA LYS B 252 21.78 -9.85 -0.45
C LYS B 252 21.45 -8.56 0.31
N HIS B 253 22.25 -7.52 0.10
CA HIS B 253 22.04 -6.24 0.74
C HIS B 253 20.89 -5.52 0.05
N ALA B 254 20.87 -5.60 -1.27
CA ALA B 254 19.84 -4.95 -2.06
C ALA B 254 18.45 -5.48 -1.62
N LEU B 255 18.34 -6.78 -1.40
CA LEU B 255 17.07 -7.34 -0.98
C LEU B 255 16.72 -6.73 0.36
N GLU B 256 17.65 -6.78 1.30
CA GLU B 256 17.44 -6.25 2.63
C GLU B 256 16.99 -4.81 2.57
N LYS B 257 17.66 -4.00 1.78
CA LYS B 257 17.28 -2.61 1.66
C LYS B 257 15.87 -2.48 1.06
N ALA B 258 15.57 -3.25 0.02
CA ALA B 258 14.27 -3.17 -0.63
C ALA B 258 13.15 -3.59 0.31
N GLU B 259 13.33 -4.72 1.00
CA GLU B 259 12.33 -5.22 1.94
C GLU B 259 12.07 -4.26 3.08
N GLU B 260 13.11 -3.56 3.54
CA GLU B 260 12.90 -2.63 4.62
C GLU B 260 12.20 -1.36 4.14
N LEU B 261 12.43 -0.98 2.88
CA LEU B 261 11.79 0.21 2.33
C LEU B 261 10.31 -0.13 2.30
N CYS B 262 10.01 -1.31 1.75
CA CYS B 262 8.64 -1.76 1.66
C CYS B 262 7.99 -1.73 3.07
N SER B 263 8.71 -2.20 4.08
CA SER B 263 8.17 -2.18 5.43
C SER B 263 7.94 -0.79 5.92
N GLN B 264 8.89 0.13 5.69
CA GLN B 264 8.67 1.49 6.16
C GLN B 264 7.41 2.09 5.52
N VAL B 265 7.22 1.78 4.24
CA VAL B 265 6.07 2.23 3.49
C VAL B 265 4.77 1.74 4.13
N ASN B 266 4.67 0.43 4.27
CA ASN B 266 3.47 -0.17 4.85
C ASN B 266 3.18 0.33 6.25
N GLU B 267 4.23 0.59 7.03
CA GLU B 267 4.03 1.11 8.38
C GLU B 267 3.57 2.57 8.34
N GLY B 268 4.03 3.32 7.34
CA GLY B 268 3.65 4.72 7.20
C GLY B 268 2.17 4.78 6.88
N VAL B 269 1.73 3.91 5.96
CA VAL B 269 0.33 3.82 5.58
C VAL B 269 -0.50 3.49 6.83
N ARG B 270 -0.01 2.53 7.60
CA ARG B 270 -0.69 2.13 8.82
C ARG B 270 -0.67 3.29 9.83
N GLU B 271 0.43 4.01 9.94
CA GLU B 271 0.50 5.09 10.92
C GLU B 271 -0.48 6.22 10.56
N LYS B 272 -0.54 6.56 9.27
CA LYS B 272 -1.44 7.62 8.81
C LYS B 272 -2.91 7.23 8.98
N GLU B 273 -3.24 6.02 8.56
CA GLU B 273 -4.62 5.58 8.67
C GLU B 273 -5.11 5.58 10.14
N ASN B 274 -4.34 5.05 11.08
CA ASN B 274 -4.76 5.04 12.48
C ASN B 274 -4.76 6.44 13.10
N SER B 275 -3.89 7.33 12.62
CA SER B 275 -3.80 8.67 13.16
C SER B 275 -5.03 9.44 12.77
N ASP B 276 -5.64 9.04 11.65
CA ASP B 276 -6.85 9.71 11.17
C ASP B 276 -8.05 9.37 12.04
N ARG B 277 -7.81 8.65 13.14
CA ARG B 277 -8.86 8.28 14.10
C ARG B 277 -8.50 8.85 15.48
N LEU B 278 -7.36 9.52 15.58
CA LEU B 278 -6.87 10.12 16.84
C LEU B 278 -7.20 11.59 16.84
N GLU B 279 -7.56 12.09 15.67
CA GLU B 279 -7.89 13.50 15.50
C GLU B 279 -9.26 13.81 16.09
#